data_3O6Q
#
_entry.id   3O6Q
#
_cell.length_a   54.028
_cell.length_b   59.465
_cell.length_c   112.352
_cell.angle_alpha   90.00
_cell.angle_beta   90.00
_cell.angle_gamma   90.00
#
_symmetry.space_group_name_H-M   'P 21 21 21'
#
loop_
_entity.id
_entity.type
_entity.pdbx_description
1 polymer 'Stage II sporulation protein SA'
2 polymer 'Stage II sporulation protein SB'
3 water water
#
loop_
_entity_poly.entity_id
_entity_poly.type
_entity_poly.pdbx_seq_one_letter_code
_entity_poly.pdbx_strand_id
1 'polypeptide(L)'
;GSELETDTREILEENNE(MSE)LH(MSE)YLNRLKTYQYLLKNEPIHVYYGSIDAYAEGIDKLLKTYADK(MSE)NLTAS
LCHYSTQADKDRLTEH(MSE)DDPADVQTRLDRKDVYYDQYGKVVLIPFTIETQNYVIKLTSDSIVTEFDYLLFTSLTSI
YDLVLPIEEEGEG
;
A,C
2 'polypeptide(L)' (MSE)ERAFQNRCEPRAAKPFKILKKRSTTSVASYQVSPHTARIFKENERLIDEYKRKKA B,D
#
# COMPACT_ATOMS: atom_id res chain seq x y z
N THR A 6 19.81 -23.23 14.66
CA THR A 6 20.71 -23.36 13.49
C THR A 6 20.14 -22.52 12.34
N ASP A 7 19.56 -23.20 11.35
CA ASP A 7 18.92 -22.54 10.21
C ASP A 7 17.58 -21.91 10.64
N THR A 8 17.14 -22.19 11.87
CA THR A 8 15.82 -21.78 12.35
C THR A 8 15.80 -20.44 13.09
N ARG A 9 16.87 -20.12 13.81
CA ARG A 9 16.92 -18.88 14.54
C ARG A 9 17.08 -17.76 13.54
N GLU A 10 17.96 -17.99 12.57
CA GLU A 10 18.19 -17.01 11.53
C GLU A 10 16.93 -16.71 10.73
N ILE A 11 16.27 -17.75 10.22
CA ILE A 11 15.05 -17.57 9.43
C ILE A 11 13.97 -16.80 10.22
N LEU A 12 13.94 -17.02 11.54
CA LEU A 12 13.01 -16.37 12.43
C LEU A 12 13.28 -14.88 12.53
N GLU A 13 14.56 -14.52 12.66
CA GLU A 13 15.00 -13.14 12.63
C GLU A 13 14.68 -12.52 11.27
N GLU A 14 14.82 -13.30 10.21
CA GLU A 14 14.49 -12.78 8.87
C GLU A 14 13.00 -12.53 8.72
N ASN A 15 12.16 -13.45 9.20
CA ASN A 15 10.69 -13.23 9.20
C ASN A 15 10.32 -12.02 10.02
N ASN A 16 10.89 -11.94 11.22
CA ASN A 16 10.63 -10.86 12.12
C ASN A 16 11.03 -9.49 11.54
N GLU A 17 12.23 -9.43 10.97
CA GLU A 17 12.71 -8.24 10.30
C GLU A 17 11.79 -7.83 9.16
N LEU A 19 8.61 -8.44 8.73
CA LEU A 19 7.29 -8.02 9.17
C LEU A 19 7.33 -6.64 9.81
N HIS A 20 8.38 -6.37 10.56
CA HIS A 20 8.59 -5.07 11.16
C HIS A 20 8.83 -4.03 10.11
N TYR A 22 8.21 -3.90 6.82
CA TYR A 22 7.15 -3.56 5.91
C TYR A 22 5.91 -3.05 6.64
N LEU A 23 5.72 -3.41 7.91
CA LEU A 23 4.74 -2.70 8.72
C LEU A 23 5.15 -1.24 8.87
N ASN A 24 6.42 -0.97 9.19
CA ASN A 24 6.90 0.42 9.33
C ASN A 24 6.79 1.22 8.03
N ARG A 25 7.20 0.62 6.94
CA ARG A 25 7.18 1.33 5.66
C ARG A 25 5.73 1.59 5.26
N LEU A 26 4.84 0.67 5.59
CA LEU A 26 3.43 0.84 5.24
C LEU A 26 2.77 1.88 6.15
N LYS A 27 3.15 1.90 7.43
CA LYS A 27 2.79 3.01 8.33
C LYS A 27 3.20 4.37 7.79
N THR A 28 4.44 4.50 7.37
CA THR A 28 4.89 5.73 6.74
C THR A 28 4.12 6.11 5.51
N TYR A 29 3.89 5.14 4.62
CA TYR A 29 3.19 5.38 3.36
C TYR A 29 1.79 5.96 3.64
N GLN A 30 1.07 5.31 4.55
CA GLN A 30 -0.28 5.72 4.88
C GLN A 30 -0.25 7.08 5.55
N TYR A 31 0.72 7.33 6.43
CA TYR A 31 0.79 8.60 7.13
C TYR A 31 0.98 9.72 6.14
N LEU A 32 1.85 9.50 5.16
CA LEU A 32 2.11 10.54 4.13
C LEU A 32 0.91 10.73 3.20
N LEU A 33 0.23 9.67 2.82
CA LEU A 33 -0.95 9.84 2.00
C LEU A 33 -1.95 10.70 2.79
N LYS A 34 -1.98 10.55 4.10
CA LYS A 34 -2.94 11.25 4.93
C LYS A 34 -2.56 12.72 5.14
N ASN A 35 -1.29 13.00 5.35
CA ASN A 35 -0.87 14.35 5.83
C ASN A 35 0.00 15.20 4.85
N GLU A 36 0.66 14.55 3.87
CA GLU A 36 1.51 15.24 2.89
C GLU A 36 0.85 15.55 1.53
N PRO A 37 0.80 16.82 1.16
CA PRO A 37 0.22 17.13 -0.14
C PRO A 37 1.03 16.53 -1.26
N ILE A 38 0.37 15.93 -2.24
CA ILE A 38 1.07 15.55 -3.46
C ILE A 38 1.23 16.78 -4.35
N HIS A 39 2.46 17.00 -4.81
CA HIS A 39 2.78 18.06 -5.77
C HIS A 39 2.77 17.47 -7.19
N VAL A 40 1.81 17.89 -8.00
CA VAL A 40 1.63 17.31 -9.36
C VAL A 40 2.15 18.20 -10.49
N TYR A 41 3.18 17.71 -11.18
CA TYR A 41 3.82 18.39 -12.32
C TYR A 41 3.27 17.78 -13.60
N TYR A 42 2.85 18.66 -14.51
CA TYR A 42 2.35 18.24 -15.83
C TYR A 42 2.74 19.27 -16.89
N GLY A 43 2.44 18.98 -18.14
CA GLY A 43 2.73 19.88 -19.27
C GLY A 43 3.64 19.28 -20.31
N SER A 44 4.30 18.19 -19.96
CA SER A 44 5.22 17.54 -20.86
C SER A 44 5.72 16.26 -20.20
N ILE A 45 6.46 15.48 -20.96
CA ILE A 45 7.03 14.25 -20.47
C ILE A 45 8.01 14.53 -19.32
N ASP A 46 8.85 15.55 -19.47
CA ASP A 46 9.83 15.94 -18.44
C ASP A 46 9.19 16.45 -17.13
N ALA A 47 8.10 17.21 -17.21
CA ALA A 47 7.41 17.65 -16.00
C ALA A 47 6.86 16.45 -15.28
N TYR A 48 6.14 15.61 -16.02
CA TYR A 48 5.61 14.38 -15.48
C TYR A 48 6.73 13.58 -14.82
N ALA A 49 7.84 13.38 -15.52
CA ALA A 49 8.92 12.54 -14.95
C ALA A 49 9.50 13.16 -13.66
N GLU A 50 9.57 14.49 -13.63
CA GLU A 50 9.99 15.25 -12.44
C GLU A 50 9.08 15.06 -11.24
N GLY A 51 7.78 15.19 -11.45
CA GLY A 51 6.81 14.92 -10.43
C GLY A 51 6.82 13.50 -9.88
N ILE A 52 6.98 12.51 -10.75
CA ILE A 52 7.10 11.14 -10.29
C ILE A 52 8.38 10.96 -9.47
N ASP A 53 9.52 11.42 -10.01
CA ASP A 53 10.76 11.45 -9.22
C ASP A 53 10.60 12.13 -7.83
N LYS A 54 9.91 13.26 -7.71
CA LYS A 54 9.83 13.96 -6.39
C LYS A 54 8.93 13.23 -5.41
N LEU A 55 7.93 12.54 -5.94
CA LEU A 55 6.99 11.80 -5.13
C LEU A 55 7.65 10.57 -4.58
N LEU A 56 8.34 9.83 -5.44
CA LEU A 56 9.09 8.66 -5.00
C LEU A 56 10.07 9.11 -3.92
N LYS A 57 10.78 10.19 -4.15
CA LYS A 57 11.74 10.68 -3.17
C LYS A 57 11.13 11.10 -1.85
N THR A 58 9.93 11.67 -1.88
CA THR A 58 9.27 12.08 -0.65
C THR A 58 9.08 10.88 0.29
N TYR A 59 8.67 9.78 -0.30
CA TYR A 59 8.40 8.56 0.43
C TYR A 59 9.66 7.81 0.82
N ALA A 60 10.57 7.63 -0.13
CA ALA A 60 11.79 6.88 0.15
C ALA A 60 12.59 7.62 1.22
N ASP A 61 12.63 8.94 1.15
CA ASP A 61 13.34 9.71 2.14
C ASP A 61 12.98 9.34 3.57
N LYS A 62 11.73 8.98 3.83
CA LYS A 62 11.33 8.67 5.20
C LYS A 62 11.35 7.16 5.54
N ASN A 64 14.31 4.81 4.72
CA ASN A 64 15.54 4.01 4.83
C ASN A 64 15.82 3.20 3.55
N LEU A 65 15.65 3.90 2.43
CA LEU A 65 15.96 3.41 1.12
C LEU A 65 15.98 4.63 0.19
N THR A 66 16.60 4.48 -0.98
CA THR A 66 16.72 5.54 -1.98
C THR A 66 15.92 5.15 -3.21
N ALA A 67 15.12 6.08 -3.73
CA ALA A 67 14.39 5.89 -4.99
C ALA A 67 14.79 7.01 -5.96
N SER A 68 14.83 6.66 -7.25
CA SER A 68 15.19 7.59 -8.32
C SER A 68 14.46 7.15 -9.58
N LEU A 69 14.29 8.10 -10.49
CA LEU A 69 13.74 7.89 -11.80
C LEU A 69 14.86 8.16 -12.78
N CYS A 70 15.27 7.12 -13.51
CA CYS A 70 16.45 7.22 -14.33
C CYS A 70 16.06 7.11 -15.80
N HIS A 71 16.63 7.97 -16.63
CA HIS A 71 16.42 7.87 -18.06
C HIS A 71 16.93 6.51 -18.49
N TYR A 72 16.26 5.88 -19.44
CA TYR A 72 16.67 4.60 -19.96
C TYR A 72 16.41 4.56 -21.47
N SER A 73 16.89 5.61 -22.14
CA SER A 73 16.73 5.80 -23.58
C SER A 73 18.01 5.55 -24.35
N THR A 74 19.03 6.34 -24.06
CA THR A 74 20.28 6.29 -24.78
C THR A 74 21.16 5.21 -24.15
N GLN A 75 22.09 4.68 -24.92
CA GLN A 75 22.98 3.65 -24.44
C GLN A 75 23.76 4.18 -23.25
N ALA A 76 24.03 5.48 -23.27
CA ALA A 76 24.73 6.11 -22.15
C ALA A 76 23.90 5.98 -20.88
N ASP A 77 22.59 6.20 -20.98
CA ASP A 77 21.69 6.02 -19.86
C ASP A 77 21.73 4.59 -19.34
N LYS A 78 21.79 3.64 -20.27
CA LYS A 78 21.75 2.23 -19.90
C LYS A 78 23.06 1.84 -19.21
N ASP A 79 24.19 2.24 -19.80
CA ASP A 79 25.51 1.92 -19.24
C ASP A 79 25.71 2.55 -17.87
N ARG A 80 25.26 3.79 -17.69
CA ARG A 80 25.31 4.42 -16.39
C ARG A 80 24.62 3.53 -15.38
N LEU A 81 23.43 3.05 -15.70
CA LEU A 81 22.67 2.24 -14.78
C LEU A 81 23.40 0.93 -14.45
N THR A 82 23.80 0.19 -15.49
CA THR A 82 24.27 -1.20 -15.37
C THR A 82 25.76 -1.46 -15.03
N GLU A 83 26.62 -0.43 -15.09
CA GLU A 83 28.04 -0.54 -14.69
C GLU A 83 28.21 -0.78 -13.18
N HIS A 84 27.16 -0.53 -12.40
CA HIS A 84 27.17 -0.79 -10.95
C HIS A 84 26.91 -2.28 -10.63
N ASP A 86 27.50 -6.68 -11.51
CA ASP A 86 28.48 -7.70 -11.89
C ASP A 86 28.22 -8.21 -13.30
N ASP A 87 26.95 -8.41 -13.69
CA ASP A 87 26.60 -8.81 -15.06
C ASP A 87 25.74 -7.76 -15.78
N PRO A 88 26.37 -6.70 -16.30
CA PRO A 88 25.67 -5.62 -17.04
C PRO A 88 24.89 -6.07 -18.29
N ALA A 89 25.47 -6.93 -19.10
CA ALA A 89 24.77 -7.43 -20.29
C ALA A 89 23.44 -8.09 -19.89
N ASP A 90 23.44 -8.86 -18.80
CA ASP A 90 22.24 -9.55 -18.33
C ASP A 90 21.23 -8.55 -17.77
N VAL A 91 21.70 -7.65 -16.92
CA VAL A 91 20.83 -6.65 -16.36
C VAL A 91 20.17 -5.91 -17.50
N GLN A 92 20.94 -5.49 -18.47
CA GLN A 92 20.42 -4.72 -19.59
C GLN A 92 19.39 -5.49 -20.39
N THR A 93 19.61 -6.78 -20.61
CA THR A 93 18.68 -7.53 -21.45
C THR A 93 17.35 -7.63 -20.70
N ARG A 94 17.38 -7.80 -19.39
CA ARG A 94 16.14 -7.88 -18.62
C ARG A 94 15.36 -6.60 -18.74
N LEU A 95 16.06 -5.50 -18.52
CA LEU A 95 15.42 -4.22 -18.53
C LEU A 95 14.88 -3.88 -19.90
N ASP A 96 15.70 -4.11 -20.93
CA ASP A 96 15.28 -3.92 -22.33
C ASP A 96 14.04 -4.73 -22.64
N ARG A 97 13.95 -5.94 -22.10
CA ARG A 97 12.75 -6.73 -22.34
C ARG A 97 11.61 -6.39 -21.38
N LYS A 98 11.79 -5.32 -20.58
CA LYS A 98 10.72 -4.68 -19.79
C LYS A 98 10.30 -5.44 -18.53
N ASP A 99 11.26 -6.15 -17.95
CA ASP A 99 11.03 -6.90 -16.74
C ASP A 99 11.75 -6.27 -15.53
N VAL A 100 11.21 -6.47 -14.34
CA VAL A 100 11.90 -6.02 -13.15
C VAL A 100 13.21 -6.78 -12.98
N TYR A 101 14.24 -6.10 -12.46
CA TYR A 101 15.48 -6.76 -12.09
C TYR A 101 15.75 -6.61 -10.60
N TYR A 102 15.98 -7.76 -9.96
CA TYR A 102 16.41 -7.81 -8.57
C TYR A 102 17.77 -8.43 -8.52
N ASP A 103 18.57 -7.94 -7.59
CA ASP A 103 19.78 -8.59 -7.18
C ASP A 103 19.36 -9.77 -6.31
N GLN A 104 20.28 -10.68 -6.07
CA GLN A 104 20.03 -11.86 -5.25
C GLN A 104 19.94 -11.55 -3.76
N TYR A 105 20.46 -10.38 -3.36
CA TYR A 105 20.71 -10.01 -1.94
C TYR A 105 19.78 -9.00 -1.30
N GLY A 106 18.78 -8.53 -2.06
CA GLY A 106 17.75 -7.69 -1.51
C GLY A 106 18.17 -6.24 -1.31
N LYS A 107 19.06 -5.74 -2.14
CA LYS A 107 19.56 -4.36 -2.05
C LYS A 107 19.19 -3.45 -3.24
N VAL A 108 18.85 -4.03 -4.39
CA VAL A 108 18.49 -3.25 -5.59
C VAL A 108 17.22 -3.84 -6.25
N VAL A 109 16.27 -2.97 -6.58
CA VAL A 109 15.16 -3.30 -7.45
C VAL A 109 15.18 -2.29 -8.59
N LEU A 110 15.20 -2.78 -9.84
CA LEU A 110 15.14 -1.89 -11.02
C LEU A 110 13.90 -2.25 -11.81
N ILE A 111 13.08 -1.22 -12.08
CA ILE A 111 11.70 -1.38 -12.55
C ILE A 111 11.55 -0.56 -13.80
N PRO A 112 11.48 -1.22 -14.95
CA PRO A 112 11.31 -0.44 -16.19
C PRO A 112 10.00 0.32 -16.16
N PHE A 113 10.03 1.57 -16.58
CA PHE A 113 8.88 2.43 -16.49
C PHE A 113 8.82 3.32 -17.72
N THR A 114 7.62 3.53 -18.24
CA THR A 114 7.42 4.26 -19.51
C THR A 114 6.39 5.39 -19.38
N ILE A 115 6.81 6.61 -19.69
CA ILE A 115 5.92 7.76 -19.75
C ILE A 115 5.75 8.12 -21.22
N GLU A 116 4.51 8.00 -21.68
CA GLU A 116 4.16 8.16 -23.09
C GLU A 116 5.10 7.35 -24.00
N THR A 117 6.08 7.99 -24.63
CA THR A 117 7.00 7.30 -25.51
C THR A 117 8.39 7.14 -24.88
N GLN A 118 8.59 7.63 -23.66
CA GLN A 118 9.92 7.72 -23.08
C GLN A 118 10.15 6.66 -22.03
N ASN A 119 11.33 6.03 -22.11
CA ASN A 119 11.71 4.95 -21.22
C ASN A 119 12.53 5.42 -20.06
N TYR A 120 12.20 4.87 -18.90
CA TYR A 120 12.89 5.15 -17.68
C TYR A 120 13.03 3.86 -16.89
N VAL A 121 13.75 3.95 -15.76
CA VAL A 121 13.85 2.86 -14.84
C VAL A 121 13.76 3.45 -13.45
N ILE A 122 12.80 3.01 -12.66
CA ILE A 122 12.72 3.39 -11.28
C ILE A 122 13.77 2.55 -10.52
N LYS A 123 14.81 3.20 -10.02
CA LYS A 123 15.82 2.56 -9.20
C LYS A 123 15.51 2.65 -7.73
N LEU A 124 15.33 1.50 -7.08
CA LEU A 124 15.24 1.40 -5.61
C LEU A 124 16.42 0.64 -5.00
N THR A 125 17.16 1.31 -4.11
CA THR A 125 18.24 0.67 -3.35
C THR A 125 18.10 0.93 -1.85
N SER A 126 18.82 0.14 -1.06
CA SER A 126 18.70 0.21 0.38
C SER A 126 19.92 -0.41 1.00
N ASP A 127 20.38 0.17 2.09
CA ASP A 127 21.40 -0.43 2.92
C ASP A 127 20.87 -1.62 3.73
N SER A 128 19.59 -1.62 4.10
CA SER A 128 18.97 -2.80 4.69
C SER A 128 18.39 -3.70 3.60
N ILE A 129 17.15 -3.47 3.18
CA ILE A 129 16.47 -4.40 2.28
C ILE A 129 15.44 -3.74 1.38
N VAL A 130 15.43 -4.07 0.09
CA VAL A 130 14.33 -3.74 -0.80
C VAL A 130 13.90 -4.97 -1.58
N THR A 131 12.60 -5.17 -1.71
CA THR A 131 12.04 -6.37 -2.34
C THR A 131 10.85 -5.97 -3.23
N GLU A 132 10.15 -6.97 -3.75
CA GLU A 132 8.85 -6.78 -4.38
C GLU A 132 7.81 -5.95 -3.58
N PHE A 133 7.86 -5.95 -2.24
CA PHE A 133 6.99 -5.11 -1.46
C PHE A 133 7.22 -3.68 -1.86
N ASP A 134 8.48 -3.34 -2.04
CA ASP A 134 8.81 -1.98 -2.44
C ASP A 134 8.42 -1.69 -3.87
N TYR A 135 8.60 -2.67 -4.74
CA TYR A 135 8.03 -2.59 -6.06
C TYR A 135 6.55 -2.20 -5.96
N LEU A 136 5.83 -2.89 -5.09
CA LEU A 136 4.38 -2.67 -4.99
C LEU A 136 4.07 -1.29 -4.48
N LEU A 137 4.77 -0.85 -3.43
CA LEU A 137 4.50 0.46 -2.86
C LEU A 137 4.91 1.53 -3.85
N PHE A 138 6.09 1.41 -4.42
CA PHE A 138 6.54 2.48 -5.26
C PHE A 138 5.81 2.55 -6.57
N THR A 139 5.36 1.41 -7.12
CA THR A 139 4.53 1.47 -8.31
C THR A 139 3.11 1.97 -8.00
N SER A 140 2.56 1.58 -6.87
CA SER A 140 1.31 2.18 -6.38
C SER A 140 1.33 3.68 -6.43
N LEU A 141 2.44 4.26 -6.04
CA LEU A 141 2.53 5.73 -6.00
C LEU A 141 2.49 6.36 -7.40
N THR A 142 3.18 5.74 -8.33
CA THR A 142 3.12 6.16 -9.73
C THR A 142 1.69 6.09 -10.23
N SER A 143 0.91 5.12 -9.78
CA SER A 143 -0.51 5.03 -10.17
C SER A 143 -1.32 6.14 -9.54
N ILE A 144 -1.09 6.41 -8.26
CA ILE A 144 -1.74 7.52 -7.60
C ILE A 144 -1.40 8.83 -8.27
N TYR A 145 -0.15 9.01 -8.68
CA TYR A 145 0.22 10.22 -9.41
C TYR A 145 -0.62 10.42 -10.66
N ASP A 146 -0.77 9.37 -11.44
CA ASP A 146 -1.54 9.48 -12.69
C ASP A 146 -3.00 9.82 -12.40
N LEU A 147 -3.55 9.18 -11.37
CA LEU A 147 -4.96 9.36 -11.03
C LEU A 147 -5.28 10.75 -10.50
N VAL A 148 -4.28 11.43 -9.97
CA VAL A 148 -4.46 12.73 -9.42
C VAL A 148 -4.42 13.82 -10.51
N LEU A 149 -3.94 13.50 -11.71
CA LEU A 149 -3.94 14.48 -12.82
C LEU A 149 -5.35 14.89 -13.28
N PRO A 150 -5.54 16.16 -13.68
CA PRO A 150 -6.85 16.56 -14.20
C PRO A 150 -7.07 16.05 -15.63
N CYS B 9 20.87 10.63 -11.19
CA CYS B 9 19.45 10.31 -11.64
C CYS B 9 18.40 11.24 -11.05
N GLU B 10 18.07 12.30 -11.77
CA GLU B 10 17.26 13.35 -11.20
C GLU B 10 16.62 14.18 -12.32
N PRO B 11 15.58 13.64 -12.98
CA PRO B 11 14.95 14.33 -14.10
C PRO B 11 14.21 15.58 -13.63
N ARG B 12 14.53 16.72 -14.26
CA ARG B 12 13.88 17.99 -13.95
C ARG B 12 13.38 18.64 -15.23
N ALA B 13 12.30 19.43 -15.14
CA ALA B 13 11.69 20.09 -16.33
C ALA B 13 11.98 21.57 -16.38
N ALA B 14 11.93 22.14 -17.58
CA ALA B 14 12.30 23.53 -17.76
C ALA B 14 11.24 24.51 -17.24
N LYS B 15 9.96 24.24 -17.48
CA LYS B 15 8.92 25.12 -16.94
C LYS B 15 7.65 24.34 -16.56
N PRO B 16 7.75 23.55 -15.46
CA PRO B 16 6.57 22.79 -15.10
C PRO B 16 5.44 23.68 -14.61
N PHE B 17 4.22 23.20 -14.83
CA PHE B 17 3.03 23.71 -14.16
C PHE B 17 2.72 22.66 -13.06
N LYS B 18 2.37 23.15 -11.87
CA LYS B 18 2.24 22.30 -10.66
C LYS B 18 0.82 22.41 -10.06
N ILE B 19 0.35 21.32 -9.47
CA ILE B 19 -0.93 21.29 -8.73
C ILE B 19 -0.77 20.56 -7.37
N LEU B 20 -1.04 21.26 -6.27
CA LEU B 20 -0.88 20.69 -4.92
C LEU B 20 -2.24 20.14 -4.53
N LYS B 21 -2.32 18.85 -4.25
CA LYS B 21 -3.57 18.23 -3.84
C LYS B 21 -3.41 17.68 -2.43
N LYS B 22 -4.48 17.73 -1.64
CA LYS B 22 -4.46 17.31 -0.23
C LYS B 22 -5.66 16.47 0.21
N ARG B 23 -5.42 15.46 1.03
CA ARG B 23 -6.51 14.66 1.62
C ARG B 23 -7.14 15.49 2.75
N SER B 24 -8.33 16.04 2.47
CA SER B 24 -8.98 17.03 3.33
C SER B 24 -10.41 16.68 3.74
N THR B 25 -11.31 16.54 2.75
CA THR B 25 -12.73 16.26 3.04
C THR B 25 -12.96 15.02 3.95
N THR B 26 -11.93 14.18 4.18
CA THR B 26 -12.02 13.03 5.10
C THR B 26 -10.94 12.98 6.16
N SER B 27 -11.24 12.29 7.26
CA SER B 27 -10.26 11.89 8.28
C SER B 27 -10.59 10.54 8.92
N VAL B 28 -9.58 9.89 9.54
CA VAL B 28 -9.69 8.53 10.05
C VAL B 28 -9.07 8.38 11.44
N ALA B 29 -9.56 7.40 12.20
CA ALA B 29 -8.90 6.97 13.43
C ALA B 29 -7.46 6.73 13.08
N SER B 30 -6.59 7.01 14.03
CA SER B 30 -5.16 6.92 13.75
C SER B 30 -4.65 5.50 14.08
N TYR B 31 -3.39 5.25 13.74
CA TYR B 31 -2.83 3.93 13.75
C TYR B 31 -2.84 3.34 15.13
N GLN B 32 -3.14 2.04 15.18
CA GLN B 32 -2.94 1.23 16.36
C GLN B 32 -2.72 -0.23 15.91
N VAL B 33 -1.76 -0.91 16.55
CA VAL B 33 -1.42 -2.29 16.18
C VAL B 33 -2.53 -3.18 16.61
N SER B 34 -2.78 -4.25 15.85
CA SER B 34 -3.70 -5.26 16.32
C SER B 34 -3.03 -6.11 17.37
N PRO B 35 -3.81 -6.63 18.30
CA PRO B 35 -3.25 -7.61 19.24
C PRO B 35 -2.53 -8.80 18.55
N HIS B 36 -3.12 -9.28 17.46
CA HIS B 36 -2.62 -10.46 16.77
C HIS B 36 -1.16 -10.27 16.40
N THR B 37 -0.86 -9.15 15.75
CA THR B 37 0.52 -8.94 15.32
C THR B 37 1.39 -8.56 16.50
N ALA B 38 0.82 -7.94 17.52
CA ALA B 38 1.60 -7.67 18.74
C ALA B 38 2.12 -8.95 19.36
N ARG B 39 1.27 -9.98 19.38
CA ARG B 39 1.62 -11.29 19.91
C ARG B 39 2.74 -11.96 19.10
N ILE B 40 2.62 -11.85 17.78
CA ILE B 40 3.60 -12.44 16.90
C ILE B 40 4.92 -11.76 17.11
N PHE B 41 4.94 -10.44 17.19
CA PHE B 41 6.20 -9.76 17.47
C PHE B 41 6.79 -10.15 18.82
N LYS B 42 5.96 -10.20 19.86
CA LYS B 42 6.45 -10.58 21.19
C LYS B 42 7.02 -12.00 21.23
N GLU B 43 6.29 -12.94 20.64
CA GLU B 43 6.72 -14.31 20.65
C GLU B 43 8.00 -14.49 19.83
N ASN B 44 8.09 -13.82 18.68
CA ASN B 44 9.32 -13.83 17.90
C ASN B 44 10.50 -13.44 18.75
N GLU B 45 10.43 -12.27 19.36
CA GLU B 45 11.54 -11.70 20.11
C GLU B 45 11.89 -12.54 21.32
N ARG B 46 10.89 -13.16 21.95
CA ARG B 46 11.13 -14.03 23.10
C ARG B 46 11.80 -15.36 22.69
N LEU B 47 11.58 -15.79 21.45
CA LEU B 47 12.22 -17.00 20.93
C LEU B 47 13.61 -16.71 20.41
N ILE B 48 13.76 -15.60 19.72
CA ILE B 48 15.06 -15.16 19.24
C ILE B 48 16.02 -15.00 20.43
N ASP B 49 15.50 -14.45 21.52
CA ASP B 49 16.20 -14.37 22.82
C ASP B 49 16.58 -15.74 23.38
N GLU B 50 15.82 -16.77 23.03
CA GLU B 50 15.97 -18.05 23.66
C GLU B 50 17.05 -18.95 23.06
N TYR B 51 17.79 -18.45 22.08
CA TYR B 51 19.01 -19.13 21.69
C TYR B 51 20.22 -18.35 22.17
N ASP C 7 5.96 -23.98 20.90
CA ASP C 7 6.77 -24.45 19.75
C ASP C 7 7.00 -23.38 18.71
N THR C 8 8.22 -23.39 18.20
CA THR C 8 8.68 -22.44 17.19
C THR C 8 8.00 -22.73 15.84
N ARG C 9 7.58 -23.98 15.63
CA ARG C 9 6.77 -24.38 14.47
C ARG C 9 5.53 -23.52 14.28
N GLU C 10 4.71 -23.40 15.33
CA GLU C 10 3.50 -22.60 15.24
C GLU C 10 3.81 -21.16 14.89
N ILE C 11 4.75 -20.56 15.63
CA ILE C 11 5.15 -19.15 15.39
C ILE C 11 5.59 -18.92 13.95
N LEU C 12 6.26 -19.92 13.42
CA LEU C 12 6.79 -19.90 12.07
C LEU C 12 5.68 -19.91 11.02
N GLU C 13 4.68 -20.76 11.23
CA GLU C 13 3.50 -20.80 10.39
C GLU C 13 2.76 -19.46 10.47
N GLU C 14 2.73 -18.86 11.66
CA GLU C 14 2.11 -17.54 11.83
C GLU C 14 2.87 -16.46 11.05
N ASN C 15 4.20 -16.47 11.16
CA ASN C 15 5.03 -15.51 10.42
C ASN C 15 4.81 -15.70 8.92
N ASN C 16 4.84 -16.95 8.49
CA ASN C 16 4.73 -17.28 7.09
C ASN C 16 3.39 -16.86 6.53
N GLU C 17 2.33 -17.15 7.27
CA GLU C 17 0.99 -16.75 6.90
C GLU C 17 0.89 -15.23 6.78
N LEU C 19 3.18 -13.06 6.10
CA LEU C 19 3.94 -12.53 4.98
C LEU C 19 3.29 -12.79 3.67
N HIS C 20 2.73 -13.98 3.52
CA HIS C 20 2.00 -14.33 2.34
C HIS C 20 0.76 -13.48 2.20
N TYR C 22 -0.14 -10.60 3.49
CA TYR C 22 0.01 -9.20 3.24
C TYR C 22 0.81 -8.85 2.00
N LEU C 23 1.65 -9.75 1.55
CA LEU C 23 2.14 -9.68 0.17
C LEU C 23 0.97 -9.78 -0.83
N ASN C 24 0.07 -10.76 -0.64
CA ASN C 24 -1.07 -10.90 -1.59
C ASN C 24 -2.00 -9.68 -1.59
N ARG C 25 -2.32 -9.22 -0.41
CA ARG C 25 -3.25 -8.10 -0.30
C ARG C 25 -2.62 -6.85 -0.84
N LEU C 26 -1.31 -6.69 -0.66
CA LEU C 26 -0.62 -5.57 -1.22
C LEU C 26 -0.52 -5.68 -2.75
N LYS C 27 -0.28 -6.90 -3.26
CA LYS C 27 -0.33 -7.15 -4.72
C LYS C 27 -1.67 -6.75 -5.31
N THR C 28 -2.75 -7.16 -4.67
CA THR C 28 -4.09 -6.76 -5.11
C THR C 28 -4.30 -5.24 -5.10
N TYR C 29 -3.91 -4.57 -4.01
CA TYR C 29 -4.07 -3.13 -3.90
C TYR C 29 -3.36 -2.42 -5.07
N GLN C 30 -2.11 -2.81 -5.31
CA GLN C 30 -1.31 -2.18 -6.33
C GLN C 30 -1.86 -2.46 -7.70
N TYR C 31 -2.31 -3.70 -7.93
CA TYR C 31 -2.86 -4.03 -9.23
C TYR C 31 -4.08 -3.19 -9.55
N LEU C 32 -4.96 -3.04 -8.57
CA LEU C 32 -6.17 -2.24 -8.74
C LEU C 32 -5.88 -0.76 -8.94
N LEU C 33 -4.95 -0.19 -8.18
CA LEU C 33 -4.59 1.21 -8.39
C LEU C 33 -4.13 1.37 -9.85
N LYS C 34 -3.48 0.35 -10.40
CA LYS C 34 -2.94 0.45 -11.76
C LYS C 34 -3.99 0.21 -12.82
N ASN C 35 -4.90 -0.75 -12.62
CA ASN C 35 -5.80 -1.21 -13.72
C ASN C 35 -7.28 -0.86 -13.59
N GLU C 36 -7.79 -0.67 -12.36
CA GLU C 36 -9.20 -0.45 -12.16
C GLU C 36 -9.52 1.02 -12.21
N PRO C 37 -10.50 1.41 -13.07
CA PRO C 37 -10.88 2.81 -13.11
C PRO C 37 -11.60 3.20 -11.85
N ILE C 38 -11.18 4.29 -11.23
CA ILE C 38 -11.89 4.80 -10.07
C ILE C 38 -13.08 5.60 -10.57
N HIS C 39 -14.27 5.23 -10.09
CA HIS C 39 -15.51 5.93 -10.33
C HIS C 39 -15.69 6.98 -9.22
N VAL C 40 -15.62 8.27 -9.57
CA VAL C 40 -15.63 9.32 -8.56
C VAL C 40 -17.02 9.90 -8.41
N TYR C 41 -17.61 9.67 -7.25
CA TYR C 41 -18.90 10.30 -6.89
C TYR C 41 -18.62 11.48 -5.97
N TYR C 42 -19.16 12.65 -6.32
CA TYR C 42 -19.02 13.88 -5.53
C TYR C 42 -20.27 14.76 -5.64
N GLY C 43 -20.32 15.81 -4.83
CA GLY C 43 -21.44 16.74 -4.83
C GLY C 43 -22.23 16.76 -3.54
N SER C 44 -21.96 15.83 -2.64
CA SER C 44 -22.63 15.78 -1.34
C SER C 44 -21.97 14.69 -0.52
N ILE C 45 -22.31 14.65 0.76
CA ILE C 45 -21.77 13.68 1.69
C ILE C 45 -22.18 12.27 1.24
N ASP C 46 -23.45 12.08 0.87
CA ASP C 46 -23.94 10.78 0.44
C ASP C 46 -23.30 10.26 -0.87
N ALA C 47 -23.02 11.14 -1.84
CA ALA C 47 -22.31 10.74 -3.05
C ALA C 47 -20.91 10.29 -2.73
N TYR C 48 -20.18 11.14 -2.00
CA TYR C 48 -18.85 10.79 -1.52
CA TYR C 48 -18.83 10.78 -1.55
C TYR C 48 -18.87 9.43 -0.82
N ALA C 49 -19.80 9.26 0.12
CA ALA C 49 -19.86 8.04 0.93
C ALA C 49 -20.06 6.83 0.04
N GLU C 50 -20.90 6.99 -0.98
CA GLU C 50 -21.15 5.94 -1.96
C GLU C 50 -19.90 5.56 -2.73
N GLY C 51 -19.17 6.58 -3.23
CA GLY C 51 -17.93 6.35 -3.93
C GLY C 51 -16.85 5.69 -3.10
N ILE C 52 -16.73 6.08 -1.85
CA ILE C 52 -15.84 5.38 -0.93
C ILE C 52 -16.28 3.94 -0.71
N ASP C 53 -17.55 3.72 -0.37
CA ASP C 53 -18.10 2.36 -0.25
C ASP C 53 -17.81 1.48 -1.48
N LYS C 54 -17.94 2.01 -2.70
CA LYS C 54 -17.74 1.18 -3.91
C LYS C 54 -16.29 0.83 -4.13
N LEU C 55 -15.42 1.75 -3.77
CA LEU C 55 -13.97 1.58 -3.90
C LEU C 55 -13.48 0.56 -2.91
N LEU C 56 -13.87 0.72 -1.64
CA LEU C 56 -13.56 -0.28 -0.63
C LEU C 56 -14.05 -1.64 -1.08
N LYS C 57 -15.26 -1.73 -1.57
CA LYS C 57 -15.78 -3.00 -2.05
C LYS C 57 -15.01 -3.62 -3.21
N THR C 58 -14.55 -2.77 -4.14
CA THR C 58 -13.83 -3.26 -5.29
C THR C 58 -12.60 -4.00 -4.81
N TYR C 59 -11.94 -3.45 -3.79
CA TYR C 59 -10.71 -4.01 -3.25
C TYR C 59 -10.95 -5.21 -2.35
N ALA C 60 -11.89 -5.09 -1.42
CA ALA C 60 -12.17 -6.21 -0.52
C ALA C 60 -12.67 -7.43 -1.31
N ASP C 61 -13.48 -7.20 -2.33
CA ASP C 61 -13.97 -8.28 -3.14
C ASP C 61 -12.86 -9.21 -3.68
N LYS C 62 -11.71 -8.66 -4.00
CA LYS C 62 -10.67 -9.47 -4.60
C LYS C 62 -9.66 -10.02 -3.58
N ASN C 64 -10.72 -11.74 -0.35
CA ASN C 64 -11.20 -12.74 0.60
C ASN C 64 -11.43 -12.10 1.99
N LEU C 65 -12.16 -10.99 1.93
CA LEU C 65 -12.63 -10.27 3.11
C LEU C 65 -13.72 -9.31 2.60
N THR C 66 -14.58 -8.84 3.49
CA THR C 66 -15.65 -7.91 3.10
C THR C 66 -15.41 -6.57 3.80
N ALA C 67 -15.63 -5.49 3.05
CA ALA C 67 -15.52 -4.15 3.57
C ALA C 67 -16.83 -3.45 3.33
N SER C 68 -17.18 -2.59 4.27
CA SER C 68 -18.42 -1.83 4.21
C SER C 68 -18.19 -0.51 4.89
N LEU C 69 -19.01 0.45 4.50
CA LEU C 69 -19.05 1.77 5.09
C LEU C 69 -20.38 1.90 5.80
N CYS C 70 -20.33 2.05 7.12
CA CYS C 70 -21.53 2.05 7.93
C CYS C 70 -21.73 3.44 8.55
N HIS C 71 -22.97 3.93 8.53
CA HIS C 71 -23.30 5.16 9.18
C HIS C 71 -22.99 4.98 10.66
N TYR C 72 -22.46 6.02 11.29
CA TYR C 72 -22.18 5.96 12.70
C TYR C 72 -22.45 7.33 13.30
N SER C 73 -23.60 7.89 12.89
CA SER C 73 -23.99 9.28 13.24
C SER C 73 -24.97 9.27 14.41
N THR C 74 -26.10 8.65 14.19
CA THR C 74 -27.16 8.61 15.17
C THR C 74 -26.94 7.42 16.10
N GLN C 75 -27.50 7.50 17.31
CA GLN C 75 -27.42 6.43 18.28
C GLN C 75 -28.02 5.15 17.68
N ALA C 76 -29.02 5.30 16.83
CA ALA C 76 -29.61 4.17 16.12
C ALA C 76 -28.56 3.49 15.26
N ASP C 77 -27.76 4.28 14.55
CA ASP C 77 -26.66 3.73 13.76
C ASP C 77 -25.65 2.97 14.61
N LYS C 78 -25.37 3.51 15.79
CA LYS C 78 -24.36 2.94 16.66
C LYS C 78 -24.86 1.60 17.18
N ASP C 79 -26.11 1.58 17.66
CA ASP C 79 -26.69 0.36 18.21
C ASP C 79 -26.78 -0.76 17.17
N ARG C 80 -27.15 -0.41 15.95
CA ARG C 80 -27.15 -1.36 14.84
C ARG C 80 -25.79 -2.01 14.61
N LEU C 81 -24.76 -1.20 14.62
CA LEU C 81 -23.41 -1.69 14.38
C LEU C 81 -23.00 -2.70 15.43
N THR C 82 -23.21 -2.33 16.70
CA THR C 82 -22.64 -3.04 17.84
C THR C 82 -23.51 -4.18 18.38
N GLU C 83 -24.64 -4.47 17.73
CA GLU C 83 -25.59 -5.48 18.28
C GLU C 83 -24.94 -6.85 18.50
N HIS C 84 -24.15 -7.25 17.51
CA HIS C 84 -23.66 -8.63 17.38
C HIS C 84 -22.30 -8.84 18.05
N ASP C 86 -19.95 -8.79 21.77
CA ASP C 86 -20.10 -9.26 23.14
C ASP C 86 -20.44 -8.09 24.07
N ASP C 87 -19.66 -7.02 23.98
CA ASP C 87 -19.86 -5.84 24.83
C ASP C 87 -20.08 -4.59 23.98
N PRO C 88 -21.33 -4.37 23.52
CA PRO C 88 -21.72 -3.20 22.72
C PRO C 88 -21.42 -1.81 23.35
N ALA C 89 -21.71 -1.59 24.62
CA ALA C 89 -21.39 -0.31 25.27
C ALA C 89 -19.90 0.01 25.15
N ASP C 90 -19.06 -1.02 25.36
CA ASP C 90 -17.64 -0.84 25.35
C ASP C 90 -17.12 -0.64 23.92
N VAL C 91 -17.62 -1.45 22.99
CA VAL C 91 -17.25 -1.27 21.60
C VAL C 91 -17.57 0.17 21.20
N GLN C 92 -18.76 0.63 21.53
CA GLN C 92 -19.16 1.99 21.22
C GLN C 92 -18.28 3.05 21.83
N THR C 93 -17.83 2.86 23.06
CA THR C 93 -16.96 3.83 23.69
C THR C 93 -15.66 3.96 22.94
N ARG C 94 -15.14 2.83 22.52
CA ARG C 94 -13.87 2.83 21.80
C ARG C 94 -14.03 3.61 20.51
N LEU C 95 -15.08 3.30 19.78
CA LEU C 95 -15.32 3.89 18.49
C LEU C 95 -15.58 5.38 18.66
N ASP C 96 -16.42 5.73 19.63
CA ASP C 96 -16.66 7.14 19.95
C ASP C 96 -15.38 7.87 20.24
N ARG C 97 -14.47 7.21 20.95
CA ARG C 97 -13.19 7.78 21.30
C ARG C 97 -12.27 7.87 20.10
N LYS C 98 -12.70 7.32 18.96
CA LYS C 98 -11.96 7.40 17.69
C LYS C 98 -10.80 6.41 17.60
N ASP C 99 -10.90 5.30 18.32
CA ASP C 99 -9.88 4.27 18.24
C ASP C 99 -10.31 3.21 17.30
N VAL C 100 -9.35 2.56 16.62
CA VAL C 100 -9.64 1.37 15.83
C VAL C 100 -10.05 0.28 16.84
N TYR C 101 -11.01 -0.56 16.48
CA TYR C 101 -11.41 -1.66 17.35
C TYR C 101 -11.12 -2.96 16.64
N TYR C 102 -10.33 -3.80 17.29
CA TYR C 102 -9.93 -5.08 16.75
C TYR C 102 -10.58 -6.10 17.66
N ASP C 103 -11.42 -6.95 17.08
CA ASP C 103 -11.93 -8.11 17.79
C ASP C 103 -10.72 -8.99 18.06
N GLN C 104 -10.69 -9.67 19.22
CA GLN C 104 -9.47 -10.37 19.68
C GLN C 104 -9.05 -11.56 18.80
N TYR C 105 -10.04 -12.18 18.17
CA TYR C 105 -9.82 -13.40 17.38
C TYR C 105 -9.34 -13.11 15.96
N GLY C 106 -9.18 -11.83 15.62
CA GLY C 106 -8.55 -11.44 14.35
C GLY C 106 -9.46 -11.40 13.13
N LYS C 107 -10.77 -11.35 13.36
CA LYS C 107 -11.75 -11.47 12.28
C LYS C 107 -12.45 -10.16 11.91
N VAL C 108 -12.45 -9.17 12.82
CA VAL C 108 -13.14 -7.90 12.58
C VAL C 108 -12.24 -6.73 12.96
N VAL C 109 -12.14 -5.78 12.03
CA VAL C 109 -11.54 -4.48 12.29
C VAL C 109 -12.65 -3.45 12.09
N LEU C 110 -12.83 -2.56 13.05
CA LEU C 110 -13.75 -1.40 12.93
C LEU C 110 -12.96 -0.10 13.07
N ILE C 111 -13.09 0.76 12.06
CA ILE C 111 -12.24 1.88 11.86
C ILE C 111 -13.16 3.12 11.81
N PRO C 112 -13.17 3.93 12.88
CA PRO C 112 -13.93 5.18 12.79
C PRO C 112 -13.46 6.09 11.63
N PHE C 113 -14.42 6.60 10.86
CA PHE C 113 -14.11 7.34 9.64
C PHE C 113 -15.09 8.53 9.45
N THR C 114 -14.55 9.64 8.96
CA THR C 114 -15.34 10.86 8.80
C THR C 114 -15.28 11.40 7.39
N ILE C 115 -16.45 11.65 6.82
CA ILE C 115 -16.57 12.37 5.56
C ILE C 115 -17.16 13.72 5.89
N GLU C 116 -16.35 14.74 5.66
CA GLU C 116 -16.66 16.11 6.03
C GLU C 116 -17.13 16.16 7.48
N THR C 117 -18.44 16.23 7.72
CA THR C 117 -18.94 16.32 9.08
C THR C 117 -19.84 15.17 9.45
N GLN C 118 -19.80 14.12 8.63
CA GLN C 118 -20.57 12.91 8.91
C GLN C 118 -19.69 11.76 9.37
N ASN C 119 -20.13 11.08 10.44
CA ASN C 119 -19.37 9.93 11.04
C ASN C 119 -19.81 8.59 10.44
N TYR C 120 -18.82 7.75 10.17
CA TYR C 120 -19.02 6.42 9.67
C TYR C 120 -18.04 5.49 10.39
N VAL C 121 -18.17 4.20 10.09
CA VAL C 121 -17.22 3.21 10.55
C VAL C 121 -16.98 2.33 9.36
N ILE C 122 -15.73 2.20 8.95
CA ILE C 122 -15.36 1.18 7.95
C ILE C 122 -15.29 -0.19 8.65
N LYS C 123 -16.23 -1.07 8.34
CA LYS C 123 -16.20 -2.45 8.83
C LYS C 123 -15.44 -3.40 7.91
N LEU C 124 -14.34 -3.98 8.41
CA LEU C 124 -13.57 -5.07 7.70
C LEU C 124 -13.67 -6.42 8.43
N THR C 125 -14.20 -7.43 7.75
CA THR C 125 -14.21 -8.78 8.27
C THR C 125 -13.52 -9.73 7.31
N SER C 126 -13.16 -10.90 7.82
CA SER C 126 -12.43 -11.91 7.04
C SER C 126 -12.62 -13.27 7.70
N ASP C 127 -12.75 -14.31 6.88
CA ASP C 127 -12.81 -15.69 7.37
C ASP C 127 -11.45 -16.16 7.88
N SER C 128 -10.36 -15.64 7.32
CA SER C 128 -9.04 -15.90 7.86
C SER C 128 -8.68 -14.83 8.88
N ILE C 129 -8.14 -13.69 8.44
CA ILE C 129 -7.55 -12.72 9.38
C ILE C 129 -7.52 -11.29 8.83
N VAL C 130 -7.86 -10.32 9.69
CA VAL C 130 -7.58 -8.90 9.39
C VAL C 130 -6.76 -8.28 10.51
N THR C 131 -5.84 -7.39 10.12
CA THR C 131 -4.90 -6.75 11.03
C THR C 131 -4.73 -5.29 10.66
N GLU C 132 -3.88 -4.60 11.41
CA GLU C 132 -3.45 -3.23 11.06
C GLU C 132 -2.96 -3.03 9.62
N PHE C 133 -2.45 -4.07 8.99
CA PHE C 133 -2.07 -3.93 7.59
C PHE C 133 -3.28 -3.58 6.78
N ASP C 134 -4.41 -4.19 7.10
CA ASP C 134 -5.67 -3.89 6.40
C ASP C 134 -6.18 -2.51 6.72
N TYR C 135 -6.07 -2.12 7.98
CA TYR C 135 -6.26 -0.74 8.37
C TYR C 135 -5.45 0.18 7.44
N LEU C 136 -4.15 -0.10 7.31
CA LEU C 136 -3.30 0.79 6.51
C LEU C 136 -3.74 0.80 5.07
N LEU C 137 -4.03 -0.36 4.50
CA LEU C 137 -4.38 -0.41 3.08
C LEU C 137 -5.71 0.26 2.84
N PHE C 138 -6.69 -0.08 3.65
CA PHE C 138 -8.00 0.48 3.39
C PHE C 138 -8.08 1.94 3.70
N THR C 139 -7.34 2.44 4.71
CA THR C 139 -7.41 3.86 4.97
C THR C 139 -6.60 4.65 3.94
N SER C 140 -5.52 4.06 3.41
CA SER C 140 -4.83 4.63 2.25
C SER C 140 -5.76 4.90 1.08
N LEU C 141 -6.66 3.97 0.82
CA LEU C 141 -7.58 4.12 -0.32
C LEU C 141 -8.55 5.29 -0.11
N THR C 142 -9.02 5.46 1.12
CA THR C 142 -9.87 6.60 1.44
C THR C 142 -9.12 7.89 1.22
N SER C 143 -7.83 7.91 1.53
CA SER C 143 -7.01 9.07 1.23
C SER C 143 -6.85 9.29 -0.27
N ILE C 144 -6.61 8.23 -1.03
CA ILE C 144 -6.50 8.34 -2.47
C ILE C 144 -7.80 8.87 -3.04
N TYR C 145 -8.92 8.39 -2.53
CA TYR C 145 -10.19 8.87 -3.05
C TYR C 145 -10.25 10.39 -2.90
N ASP C 146 -9.90 10.89 -1.72
CA ASP C 146 -9.98 12.33 -1.46
C ASP C 146 -9.06 13.09 -2.40
N LEU C 147 -7.87 12.56 -2.61
CA LEU C 147 -6.89 13.25 -3.47
C LEU C 147 -7.29 13.31 -4.95
N VAL C 148 -8.14 12.40 -5.37
CA VAL C 148 -8.58 12.28 -6.76
C VAL C 148 -9.80 13.16 -7.05
N LEU C 149 -10.41 13.73 -6.03
CA LEU C 149 -11.50 14.70 -6.25
C LEU C 149 -11.06 16.01 -6.91
N PRO C 150 -11.97 16.67 -7.65
CA PRO C 150 -11.70 17.98 -8.24
C PRO C 150 -12.26 19.13 -7.42
N CYS D 9 -25.37 -0.18 5.77
CA CYS D 9 -23.93 -0.24 5.43
C CYS D 9 -23.71 -0.32 3.91
N GLU D 10 -24.53 0.44 3.21
CA GLU D 10 -24.42 0.51 1.78
C GLU D 10 -24.99 1.86 1.39
N PRO D 11 -24.24 2.94 1.67
CA PRO D 11 -24.71 4.26 1.34
C PRO D 11 -24.85 4.47 -0.17
N ARG D 12 -26.05 4.87 -0.60
CA ARG D 12 -26.30 5.20 -1.98
C ARG D 12 -26.88 6.61 -2.03
N ALA D 13 -26.58 7.33 -3.11
CA ALA D 13 -26.99 8.73 -3.26
C ALA D 13 -27.64 8.93 -4.62
N ALA D 14 -28.53 9.90 -4.75
CA ALA D 14 -28.71 10.54 -6.04
C ALA D 14 -27.42 11.30 -6.12
N LYS D 15 -26.86 11.39 -7.33
CA LYS D 15 -25.57 12.07 -7.54
C LYS D 15 -25.62 13.08 -8.69
N PRO D 16 -25.06 14.26 -8.45
CA PRO D 16 -25.02 15.31 -9.47
C PRO D 16 -24.19 14.94 -10.71
N PHE D 17 -23.03 14.32 -10.51
CA PHE D 17 -22.17 13.96 -11.63
C PHE D 17 -21.41 12.64 -11.44
N LYS D 18 -21.04 12.03 -12.56
CA LYS D 18 -20.28 10.77 -12.55
C LYS D 18 -18.98 10.92 -13.34
N ILE D 19 -17.87 10.46 -12.76
CA ILE D 19 -16.57 10.57 -13.43
C ILE D 19 -15.75 9.26 -13.35
N LEU D 20 -14.88 9.07 -14.34
CA LEU D 20 -14.04 7.90 -14.39
C LEU D 20 -12.58 8.35 -14.44
N LYS D 21 -11.78 7.94 -13.45
CA LYS D 21 -10.35 8.26 -13.42
C LYS D 21 -9.56 6.97 -13.60
N LYS D 22 -8.45 7.07 -14.33
CA LYS D 22 -7.66 5.92 -14.76
C LYS D 22 -6.17 6.26 -14.75
N ARG D 23 -5.35 5.23 -14.55
CA ARG D 23 -3.89 5.31 -14.74
C ARG D 23 -3.53 4.84 -16.15
N SER D 24 -3.16 5.78 -17.03
CA SER D 24 -3.23 5.60 -18.49
C SER D 24 -1.97 5.94 -19.29
N THR D 25 -1.52 7.19 -19.22
CA THR D 25 -0.35 7.64 -20.01
C THR D 25 0.94 6.80 -19.78
N THR D 26 0.97 5.98 -18.72
CA THR D 26 2.18 5.22 -18.36
C THR D 26 1.96 3.72 -18.22
N SER D 27 3.06 2.96 -18.36
CA SER D 27 3.05 1.55 -18.04
C SER D 27 4.33 1.11 -17.35
N VAL D 28 4.22 0.03 -16.60
CA VAL D 28 5.25 -0.44 -15.71
C VAL D 28 5.48 -1.93 -15.90
N ALA D 29 6.73 -2.36 -15.75
CA ALA D 29 7.08 -3.78 -15.70
C ALA D 29 6.19 -4.39 -14.68
N SER D 30 5.73 -5.61 -14.95
CA SER D 30 4.71 -6.20 -14.09
C SER D 30 5.38 -6.97 -12.95
N TYR D 31 4.55 -7.42 -12.01
CA TYR D 31 5.02 -8.04 -10.80
C TYR D 31 5.87 -9.23 -11.01
N GLN D 32 6.89 -9.34 -10.16
CA GLN D 32 7.63 -10.57 -9.95
C GLN D 32 8.17 -10.57 -8.50
N VAL D 33 8.15 -11.73 -7.83
CA VAL D 33 8.74 -11.87 -6.48
C VAL D 33 10.24 -11.73 -6.52
N SER D 34 10.81 -11.13 -5.48
CA SER D 34 12.25 -11.02 -5.41
C SER D 34 12.92 -12.31 -4.97
N PRO D 35 14.16 -12.50 -5.36
CA PRO D 35 14.85 -13.68 -4.86
C PRO D 35 14.91 -13.76 -3.32
N HIS D 36 15.08 -12.60 -2.69
CA HIS D 36 15.23 -12.52 -1.27
C HIS D 36 14.02 -13.11 -0.60
N THR D 37 12.83 -12.63 -1.00
CA THR D 37 11.64 -13.06 -0.32
C THR D 37 11.26 -14.47 -0.80
N ALA D 38 11.65 -14.87 -2.03
CA ALA D 38 11.39 -16.23 -2.50
C ALA D 38 12.14 -17.25 -1.65
N ARG D 39 13.38 -16.92 -1.27
CA ARG D 39 14.20 -17.74 -0.36
C ARG D 39 13.53 -17.90 1.01
N ILE D 40 13.03 -16.79 1.56
CA ILE D 40 12.38 -16.79 2.84
C ILE D 40 11.11 -17.62 2.79
N PHE D 41 10.29 -17.45 1.76
CA PHE D 41 9.10 -18.32 1.65
C PHE D 41 9.47 -19.79 1.55
N LYS D 42 10.46 -20.11 0.71
CA LYS D 42 10.86 -21.53 0.53
C LYS D 42 11.39 -22.15 1.81
N GLU D 43 12.27 -21.42 2.51
CA GLU D 43 12.87 -21.92 3.73
C GLU D 43 11.77 -22.10 4.79
N ASN D 44 10.87 -21.14 4.92
CA ASN D 44 9.76 -21.26 5.85
C ASN D 44 9.03 -22.57 5.65
N GLU D 45 8.54 -22.77 4.44
CA GLU D 45 7.69 -23.91 4.13
C GLU D 45 8.45 -25.23 4.27
N ARG D 46 9.73 -25.23 3.96
CA ARG D 46 10.55 -26.45 4.10
C ARG D 46 10.83 -26.78 5.57
N LEU D 47 10.82 -25.75 6.43
CA LEU D 47 11.04 -25.95 7.85
C LEU D 47 9.74 -26.32 8.55
N ILE D 48 8.65 -25.65 8.17
CA ILE D 48 7.34 -25.94 8.70
C ILE D 48 7.03 -27.41 8.46
N ASP D 49 7.33 -27.85 7.24
CA ASP D 49 7.12 -29.23 6.85
C ASP D 49 8.10 -30.20 7.52
N GLU D 50 9.17 -29.69 8.12
CA GLU D 50 10.15 -30.56 8.76
C GLU D 50 9.89 -30.80 10.24
N TYR D 51 9.11 -29.95 10.87
CA TYR D 51 8.67 -30.26 12.22
C TYR D 51 7.56 -31.29 12.15
N LYS D 52 6.61 -31.04 11.25
CA LYS D 52 5.56 -32.01 10.95
C LYS D 52 6.11 -33.32 10.33
#